data_6B1Q
#
_entry.id   6B1Q
#
_cell.length_a   55.278
_cell.length_b   146.282
_cell.length_c   46.941
_cell.angle_alpha   90.000
_cell.angle_beta   90.000
_cell.angle_gamma   90.000
#
_symmetry.space_group_name_H-M   'P 21 21 2'
#
loop_
_entity.id
_entity.type
_entity.pdbx_description
1 polymer 'Reverse transcriptase'
2 polymer "DNA (5'-D(*CP*TP*TP*AP*TP*(CJ1)P*(CJ1)P*(CJ1))-3')"
3 polymer "DNA (5'-D(P*(1AP)P*(1AP)P*(1AP)P*AP*TP*AP*AP*G)-3')"
4 water water
#
loop_
_entity_poly.entity_id
_entity_poly.type
_entity_poly.pdbx_seq_one_letter_code
_entity_poly.pdbx_strand_id
1 'polypeptide(L)'
;GSHMTWLSDFPQAWAETGGMGLAVRQAPLIIPLKATSTPVSIKQYPMSQEARLGIKPHIQRLLDQGILVPCQSPWNTPLL
PVKKPGTNDYRPVQDLREVNKRVEDIHPTVPNPYNLLSGLPPSHQWYTVLDLKDAFFCLRLHPTSQPLFAFEWRDPEMGI
SGQLTWTRLPQGFKNSPTLFDEALHRDLADFRIQHPDLILLQYVDDLLLAATSELDCQQGTRALLQTLGNLGYRASAKKA
QICQKQVKYLGYLLKEGQR
;
A
2 'polydeoxyribonucleotide' (DC)(DT)(DT)(DA)(DT)(CJ1)(CJ1)(CJ1) B
3 'polydeoxyribonucleotide' (1AP)(1AP)(1AP)(DA)(DT)(DA)(DA)(DG) G
#
loop_
_chem_comp.id
_chem_comp.type
_chem_comp.name
_chem_comp.formula
1AP DNA linking '2,6-DIAMINOPURINE NUCLEOTIDE' 'C10 H15 N6 O6 P'
CJ1 DNA linking 7-(2-deoxy-5-O-phosphono-beta-D-erythro-pentofuranosyl)-7H-pyrrolo[2,3-d]pyrimidine-2,4-diol 'C11 H14 N3 O8 P'
DA DNA linking 2'-DEOXYADENOSINE-5'-MONOPHOSPHATE 'C10 H14 N5 O6 P'
DC DNA linking 2'-DEOXYCYTIDINE-5'-MONOPHOSPHATE 'C9 H14 N3 O7 P'
DG DNA linking 2'-DEOXYGUANOSINE-5'-MONOPHOSPHATE 'C10 H14 N5 O7 P'
DT DNA linking THYMIDINE-5'-MONOPHOSPHATE 'C10 H15 N2 O8 P'
#
# COMPACT_ATOMS: atom_id res chain seq x y z
N THR A 5 5.71 24.97 -6.43
CA THR A 5 4.70 24.01 -6.86
C THR A 5 4.26 23.13 -5.70
N TRP A 6 3.30 22.24 -6.00
CA TRP A 6 2.93 21.21 -5.02
C TRP A 6 4.11 20.29 -4.73
N LEU A 7 4.95 20.03 -5.73
CA LEU A 7 6.09 19.13 -5.52
C LEU A 7 7.07 19.72 -4.52
N SER A 8 7.41 21.00 -4.68
CA SER A 8 8.45 21.59 -3.84
C SER A 8 7.95 21.88 -2.43
N ASP A 9 6.65 22.15 -2.26
CA ASP A 9 6.13 22.50 -0.96
C ASP A 9 5.99 21.31 -0.02
N PHE A 10 5.96 20.08 -0.56
CA PHE A 10 5.71 18.89 0.26
C PHE A 10 6.66 17.78 -0.16
N PRO A 11 7.96 17.98 0.04
CA PRO A 11 8.92 16.98 -0.44
C PRO A 11 8.82 15.66 0.28
N GLN A 12 8.33 15.65 1.52
CA GLN A 12 8.19 14.40 2.26
C GLN A 12 7.01 13.58 1.75
N ALA A 13 6.01 14.22 1.15
CA ALA A 13 4.76 13.56 0.84
C ALA A 13 4.80 12.77 -0.46
N TRP A 14 5.70 13.07 -1.39
CA TRP A 14 5.68 12.45 -2.70
C TRP A 14 6.73 11.35 -2.80
N ALA A 15 6.39 10.27 -3.49
CA ALA A 15 7.32 9.17 -3.64
C ALA A 15 8.57 9.61 -4.38
N GLU A 16 8.40 10.52 -5.34
CA GLU A 16 9.53 10.96 -6.15
C GLU A 16 10.60 11.64 -5.32
N THR A 17 10.21 12.22 -4.21
CA THR A 17 11.09 13.07 -3.44
C THR A 17 11.31 12.69 -1.98
N GLY A 18 10.45 11.89 -1.37
CA GLY A 18 10.58 11.64 0.05
C GLY A 18 11.13 10.30 0.44
N GLY A 19 11.57 9.48 -0.51
CA GLY A 19 12.08 8.17 -0.20
C GLY A 19 10.96 7.15 -0.03
N MET A 20 11.37 5.89 0.05
CA MET A 20 10.41 4.81 0.32
C MET A 20 9.71 5.10 1.64
N GLY A 21 8.43 4.78 1.68
CA GLY A 21 7.66 5.04 2.88
C GLY A 21 7.86 4.02 3.99
N LEU A 22 7.31 4.37 5.15
CA LEU A 22 7.29 3.50 6.32
C LEU A 22 6.29 4.12 7.27
N ALA A 23 5.25 3.38 7.63
CA ALA A 23 4.17 3.94 8.47
C ALA A 23 4.61 3.91 9.92
N VAL A 24 5.14 5.04 10.41
CA VAL A 24 5.84 5.05 11.69
C VAL A 24 4.93 4.95 12.89
N ARG A 25 3.63 5.24 12.74
N ARG A 25 3.63 5.24 12.74
CA ARG A 25 2.70 5.11 13.85
CA ARG A 25 2.69 5.12 13.84
C ARG A 25 2.12 3.71 13.98
C ARG A 25 2.10 3.72 13.97
N GLN A 26 2.33 2.85 12.99
CA GLN A 26 1.67 1.55 12.92
C GLN A 26 2.59 0.48 13.50
N ALA A 27 2.10 -0.23 14.51
CA ALA A 27 2.91 -1.30 15.10
C ALA A 27 3.16 -2.38 14.04
N PRO A 28 4.32 -3.00 14.04
CA PRO A 28 4.57 -4.13 13.12
C PRO A 28 3.47 -5.17 13.25
N LEU A 29 2.97 -5.63 12.09
CA LEU A 29 1.78 -6.48 12.05
C LEU A 29 2.14 -7.91 12.42
N ILE A 30 1.32 -8.52 13.27
CA ILE A 30 1.37 -9.96 13.56
C ILE A 30 0.28 -10.64 12.74
N ILE A 31 0.65 -11.71 12.04
CA ILE A 31 -0.26 -12.42 11.15
C ILE A 31 -0.69 -13.74 11.79
N PRO A 32 -1.90 -13.84 12.36
CA PRO A 32 -2.31 -15.09 13.02
C PRO A 32 -2.56 -16.20 12.02
N LEU A 33 -2.09 -17.39 12.36
CA LEU A 33 -2.35 -18.57 11.55
C LEU A 33 -3.65 -19.22 11.99
N LYS A 34 -4.23 -19.99 11.09
CA LYS A 34 -5.35 -20.85 11.44
C LYS A 34 -4.91 -21.83 12.54
N ALA A 35 -5.90 -22.35 13.27
CA ALA A 35 -5.61 -23.09 14.48
C ALA A 35 -4.82 -24.36 14.22
N THR A 36 -4.97 -24.97 13.03
CA THR A 36 -4.31 -26.25 12.73
C THR A 36 -3.09 -26.13 11.82
N SER A 37 -2.70 -24.93 11.42
CA SER A 37 -1.65 -24.78 10.40
C SER A 37 -0.27 -25.20 10.91
N THR A 38 0.53 -25.78 10.03
CA THR A 38 1.97 -25.94 10.20
C THR A 38 2.65 -25.40 8.95
N PRO A 39 3.95 -25.13 9.02
CA PRO A 39 4.62 -24.50 7.86
C PRO A 39 4.59 -25.39 6.63
N VAL A 40 4.63 -24.75 5.47
CA VAL A 40 4.71 -25.45 4.20
C VAL A 40 5.95 -24.94 3.50
N SER A 41 6.74 -25.86 2.95
CA SER A 41 7.99 -25.49 2.30
C SER A 41 7.95 -26.06 0.89
N ILE A 42 7.72 -25.20 -0.09
CA ILE A 42 7.63 -25.61 -1.48
C ILE A 42 8.95 -25.27 -2.14
N LYS A 43 9.56 -26.25 -2.81
CA LYS A 43 10.88 -25.97 -3.34
C LYS A 43 10.77 -25.07 -4.57
N GLN A 44 11.81 -24.28 -4.77
CA GLN A 44 11.84 -23.36 -5.90
C GLN A 44 12.11 -24.12 -7.19
N TYR A 45 11.18 -24.04 -8.13
CA TYR A 45 11.43 -24.55 -9.48
C TYR A 45 12.55 -23.73 -10.10
N PRO A 46 13.48 -24.36 -10.81
CA PRO A 46 14.62 -23.61 -11.33
C PRO A 46 14.13 -22.54 -12.29
N MET A 47 14.73 -21.38 -12.16
CA MET A 47 14.44 -20.24 -13.00
C MET A 47 15.50 -20.14 -14.09
N SER A 48 15.09 -19.74 -15.29
CA SER A 48 16.06 -19.52 -16.35
C SER A 48 17.00 -18.37 -15.97
N GLN A 49 18.16 -18.33 -16.60
CA GLN A 49 19.05 -17.22 -16.31
C GLN A 49 18.42 -15.90 -16.73
N GLU A 50 17.64 -15.93 -17.82
CA GLU A 50 17.01 -14.71 -18.29
C GLU A 50 16.08 -14.13 -17.23
N ALA A 51 15.28 -14.99 -16.59
CA ALA A 51 14.36 -14.50 -15.57
C ALA A 51 15.12 -14.05 -14.33
N ARG A 52 16.14 -14.80 -13.94
N ARG A 52 16.13 -14.81 -13.92
CA ARG A 52 16.96 -14.47 -12.78
CA ARG A 52 16.94 -14.42 -12.76
C ARG A 52 17.65 -13.11 -12.95
C ARG A 52 17.59 -13.06 -12.98
N LEU A 53 18.22 -12.86 -14.14
CA LEU A 53 18.84 -11.56 -14.40
C LEU A 53 17.78 -10.45 -14.44
N GLY A 54 16.58 -10.76 -14.89
CA GLY A 54 15.52 -9.76 -14.86
C GLY A 54 15.12 -9.39 -13.44
N ILE A 55 15.01 -10.40 -12.57
CA ILE A 55 14.54 -10.22 -11.20
C ILE A 55 15.62 -9.59 -10.32
N LYS A 56 16.89 -9.94 -10.58
CA LYS A 56 18.00 -9.62 -9.69
C LYS A 56 18.08 -8.17 -9.23
N PRO A 57 17.97 -7.15 -10.10
CA PRO A 57 18.10 -5.78 -9.58
C PRO A 57 16.96 -5.38 -8.67
N HIS A 58 15.75 -5.88 -8.93
CA HIS A 58 14.63 -5.67 -7.99
C HIS A 58 14.95 -6.23 -6.62
N ILE A 59 15.46 -7.46 -6.57
CA ILE A 59 15.86 -8.08 -5.31
C ILE A 59 16.92 -7.27 -4.61
N GLN A 60 17.91 -6.80 -5.36
CA GLN A 60 18.99 -6.04 -4.74
C GLN A 60 18.47 -4.71 -4.19
N ARG A 61 17.57 -4.06 -4.93
CA ARG A 61 17.01 -2.78 -4.47
C ARG A 61 16.23 -2.97 -3.17
N LEU A 62 15.42 -4.02 -3.12
CA LEU A 62 14.63 -4.33 -1.93
C LEU A 62 15.52 -4.67 -0.74
N LEU A 63 16.65 -5.35 -0.98
CA LEU A 63 17.58 -5.62 0.10
C LEU A 63 18.24 -4.33 0.58
N ASP A 64 18.63 -3.46 -0.35
CA ASP A 64 19.20 -2.17 0.05
C ASP A 64 18.22 -1.39 0.90
N GLN A 65 16.93 -1.45 0.56
CA GLN A 65 15.88 -0.73 1.28
C GLN A 65 15.49 -1.39 2.59
N GLY A 66 16.02 -2.57 2.90
CA GLY A 66 15.61 -3.28 4.10
C GLY A 66 14.26 -3.95 4.02
N ILE A 67 13.63 -3.95 2.85
CA ILE A 67 12.31 -4.54 2.69
C ILE A 67 12.42 -6.06 2.56
N LEU A 68 13.51 -6.57 1.99
CA LEU A 68 13.91 -7.97 2.07
C LEU A 68 15.09 -8.14 3.01
N VAL A 69 15.13 -9.26 3.74
CA VAL A 69 16.28 -9.63 4.57
C VAL A 69 16.53 -11.12 4.45
N PRO A 70 17.78 -11.52 4.64
CA PRO A 70 18.09 -12.96 4.71
C PRO A 70 17.40 -13.61 5.89
N CYS A 71 17.09 -14.90 5.75
CA CYS A 71 16.52 -15.65 6.85
C CYS A 71 16.69 -17.14 6.59
N GLN A 72 16.34 -17.91 7.62
CA GLN A 72 16.17 -19.36 7.51
C GLN A 72 14.78 -19.64 8.07
N SER A 73 13.92 -20.25 7.26
CA SER A 73 12.52 -20.39 7.66
C SER A 73 12.01 -21.75 7.24
N PRO A 74 11.17 -22.38 8.07
CA PRO A 74 10.49 -23.62 7.67
C PRO A 74 9.40 -23.39 6.65
N TRP A 75 9.08 -22.14 6.35
CA TRP A 75 8.15 -21.79 5.28
C TRP A 75 8.96 -21.48 4.04
N ASN A 76 8.45 -21.84 2.87
CA ASN A 76 9.06 -21.43 1.60
C ASN A 76 8.01 -21.51 0.51
N THR A 77 7.90 -20.46 -0.28
CA THR A 77 7.00 -20.46 -1.43
C THR A 77 7.81 -20.01 -2.65
N PRO A 78 7.38 -20.38 -3.85
CA PRO A 78 8.20 -20.13 -5.03
C PRO A 78 7.99 -18.76 -5.62
N LEU A 79 9.06 -18.23 -6.20
CA LEU A 79 9.01 -17.09 -7.08
C LEU A 79 8.71 -17.59 -8.49
N LEU A 80 7.91 -16.86 -9.24
CA LEU A 80 7.81 -17.23 -10.63
C LEU A 80 8.34 -16.13 -11.56
N PRO A 81 8.72 -16.48 -12.79
CA PRO A 81 9.10 -15.48 -13.81
C PRO A 81 7.95 -14.62 -14.35
N VAL A 82 7.84 -13.37 -13.90
CA VAL A 82 6.89 -12.35 -14.41
C VAL A 82 5.49 -12.84 -14.78
N TYR A 90 10.87 -8.41 -16.62
CA TYR A 90 10.70 -9.30 -15.47
C TYR A 90 10.64 -8.56 -14.14
N ARG A 91 9.66 -8.93 -13.31
CA ARG A 91 9.55 -8.46 -11.93
C ARG A 91 9.03 -9.62 -11.09
N PRO A 92 9.47 -9.73 -9.84
CA PRO A 92 9.21 -10.96 -9.08
C PRO A 92 7.79 -11.01 -8.54
N VAL A 93 7.18 -12.18 -8.66
CA VAL A 93 5.87 -12.44 -8.09
C VAL A 93 5.96 -13.76 -7.33
N GLN A 94 5.47 -13.77 -6.10
CA GLN A 94 5.53 -14.93 -5.24
C GLN A 94 4.19 -15.67 -5.26
N ASP A 95 4.23 -17.00 -5.36
CA ASP A 95 3.01 -17.83 -5.26
C ASP A 95 2.78 -18.13 -3.78
N LEU A 96 1.98 -17.27 -3.15
CA LEU A 96 1.66 -17.36 -1.73
C LEU A 96 0.35 -18.10 -1.47
N ARG A 97 -0.21 -18.78 -2.47
CA ARG A 97 -1.49 -19.45 -2.25
C ARG A 97 -1.44 -20.44 -1.08
N GLU A 98 -0.34 -21.20 -0.90
CA GLU A 98 -0.30 -22.14 0.22
C GLU A 98 -0.11 -21.44 1.56
N VAL A 99 0.52 -20.27 1.57
CA VAL A 99 0.56 -19.49 2.81
C VAL A 99 -0.82 -18.93 3.13
N ASN A 100 -1.48 -18.33 2.13
CA ASN A 100 -2.81 -17.75 2.33
C ASN A 100 -3.78 -18.75 2.92
N LYS A 101 -3.73 -20.01 2.46
CA LYS A 101 -4.60 -21.06 2.99
C LYS A 101 -4.38 -21.31 4.47
N ARG A 102 -3.19 -21.04 4.99
CA ARG A 102 -2.88 -21.38 6.38
C ARG A 102 -3.04 -20.20 7.32
N VAL A 103 -3.39 -19.01 6.80
CA VAL A 103 -3.51 -17.80 7.58
C VAL A 103 -4.98 -17.57 7.91
N GLU A 104 -5.26 -17.16 9.14
CA GLU A 104 -6.64 -16.99 9.58
C GLU A 104 -7.29 -15.86 8.79
N ASP A 105 -8.54 -16.10 8.38
CA ASP A 105 -9.28 -15.11 7.63
C ASP A 105 -9.66 -13.93 8.50
N ILE A 106 -9.77 -12.77 7.88
CA ILE A 106 -10.32 -11.59 8.55
C ILE A 106 -11.51 -11.08 7.77
N HIS A 107 -12.36 -10.30 8.45
CA HIS A 107 -13.51 -9.73 7.75
C HIS A 107 -13.05 -8.72 6.71
N PRO A 108 -13.60 -8.78 5.49
CA PRO A 108 -13.21 -7.80 4.46
C PRO A 108 -13.94 -6.49 4.66
N THR A 109 -13.19 -5.47 5.07
CA THR A 109 -13.81 -4.19 5.38
C THR A 109 -13.63 -3.14 4.29
N VAL A 110 -12.91 -3.46 3.22
CA VAL A 110 -12.76 -2.50 2.13
C VAL A 110 -14.10 -2.38 1.41
N PRO A 111 -14.70 -1.20 1.33
CA PRO A 111 -16.00 -1.05 0.65
C PRO A 111 -15.86 -1.22 -0.84
N ASN A 112 -16.96 -1.67 -1.51
CA ASN A 112 -16.77 -1.68 -2.96
C ASN A 112 -16.89 -0.26 -3.51
N PRO A 113 -16.21 0.03 -4.63
CA PRO A 113 -16.15 1.40 -5.12
C PRO A 113 -17.53 2.02 -5.37
N TYR A 114 -18.49 1.22 -5.81
CA TYR A 114 -19.83 1.77 -6.06
C TYR A 114 -20.40 2.40 -4.79
N ASN A 115 -20.41 1.64 -3.69
CA ASN A 115 -20.95 2.18 -2.44
C ASN A 115 -20.07 3.29 -1.89
N LEU A 116 -18.75 3.15 -2.00
CA LEU A 116 -17.87 4.21 -1.55
C LEU A 116 -18.24 5.54 -2.21
N LEU A 117 -18.55 5.50 -3.51
CA LEU A 117 -18.84 6.73 -4.23
C LEU A 117 -20.18 7.33 -3.83
N SER A 118 -21.11 6.53 -3.28
CA SER A 118 -22.37 7.06 -2.81
C SER A 118 -22.17 8.12 -1.74
N GLY A 119 -21.04 8.07 -1.01
CA GLY A 119 -20.79 9.02 0.05
C GLY A 119 -20.24 10.34 -0.41
N LEU A 120 -20.43 10.65 -1.69
CA LEU A 120 -19.88 11.86 -2.29
C LEU A 120 -21.01 12.83 -2.64
N PRO A 121 -21.30 13.82 -1.79
CA PRO A 121 -22.47 14.68 -2.02
C PRO A 121 -22.22 15.70 -3.12
N PRO A 122 -23.28 16.24 -3.73
CA PRO A 122 -23.10 17.23 -4.79
C PRO A 122 -22.59 18.57 -4.30
N SER A 123 -22.59 18.82 -2.99
CA SER A 123 -22.08 20.08 -2.47
C SER A 123 -20.56 20.19 -2.59
N HIS A 124 -19.87 19.08 -2.82
CA HIS A 124 -18.41 19.06 -2.91
C HIS A 124 -18.02 18.62 -4.31
N GLN A 125 -17.53 19.55 -5.13
CA GLN A 125 -17.17 19.23 -6.50
C GLN A 125 -15.75 19.68 -6.87
N TRP A 126 -14.95 20.09 -5.89
CA TRP A 126 -13.51 20.31 -6.08
C TRP A 126 -12.76 19.09 -5.53
N TYR A 127 -12.06 18.39 -6.41
CA TYR A 127 -11.49 17.08 -6.10
C TYR A 127 -9.97 17.09 -6.17
N THR A 128 -9.35 16.31 -5.29
CA THR A 128 -7.95 15.91 -5.40
C THR A 128 -7.91 14.38 -5.33
N VAL A 129 -7.21 13.75 -6.26
CA VAL A 129 -7.03 12.30 -6.25
C VAL A 129 -5.55 12.01 -6.06
N LEU A 130 -5.24 11.20 -5.06
CA LEU A 130 -3.90 10.75 -4.76
C LEU A 130 -3.88 9.22 -4.73
N ASP A 131 -2.80 8.62 -5.24
CA ASP A 131 -2.57 7.20 -5.02
C ASP A 131 -1.25 7.03 -4.32
N LEU A 132 -1.24 6.17 -3.31
CA LEU A 132 -0.07 5.92 -2.49
C LEU A 132 0.81 4.90 -3.18
N LYS A 133 2.10 5.22 -3.26
CA LYS A 133 3.09 4.36 -3.90
C LYS A 133 3.63 3.35 -2.89
N ASP A 134 3.76 2.10 -3.34
CA ASP A 134 4.30 1.01 -2.52
C ASP A 134 3.60 0.95 -1.16
N ALA A 135 2.28 1.03 -1.22
CA ALA A 135 1.47 1.17 -0.01
C ALA A 135 1.73 0.04 0.99
N PHE A 136 1.60 -1.21 0.54
CA PHE A 136 1.75 -2.32 1.48
C PHE A 136 3.13 -2.32 2.10
N PHE A 137 4.16 -1.97 1.32
CA PHE A 137 5.51 -1.93 1.88
C PHE A 137 5.66 -0.88 2.97
N CYS A 138 4.72 0.04 3.12
CA CYS A 138 4.86 0.99 4.22
C CYS A 138 4.52 0.36 5.56
N LEU A 139 3.84 -0.78 5.56
CA LEU A 139 3.43 -1.43 6.82
C LEU A 139 4.45 -2.50 7.20
N ARG A 140 5.08 -2.33 8.36
CA ARG A 140 6.03 -3.30 8.86
C ARG A 140 5.34 -4.59 9.26
N LEU A 141 6.04 -5.70 9.09
CA LEU A 141 5.67 -7.00 9.63
C LEU A 141 6.46 -7.26 10.92
N HIS A 142 5.76 -7.72 11.93
CA HIS A 142 6.43 -8.15 13.16
C HIS A 142 7.41 -9.26 12.84
N PRO A 143 8.59 -9.28 13.48
CA PRO A 143 9.57 -10.34 13.18
C PRO A 143 9.02 -11.73 13.37
N THR A 144 8.05 -11.95 14.27
CA THR A 144 7.49 -13.29 14.42
C THR A 144 6.73 -13.74 13.16
N SER A 145 6.18 -12.79 12.40
CA SER A 145 5.44 -13.15 11.18
C SER A 145 6.30 -13.08 9.92
N GLN A 146 7.48 -12.48 9.97
CA GLN A 146 8.30 -12.40 8.76
C GLN A 146 8.65 -13.76 8.15
N PRO A 147 8.97 -14.80 8.92
CA PRO A 147 9.36 -16.06 8.27
C PRO A 147 8.26 -16.71 7.43
N LEU A 148 7.00 -16.34 7.64
CA LEU A 148 5.89 -16.88 6.86
C LEU A 148 6.10 -16.70 5.36
N PHE A 149 6.71 -15.61 4.95
CA PHE A 149 6.72 -15.21 3.54
C PHE A 149 8.05 -15.49 2.85
N ALA A 150 8.84 -16.42 3.38
CA ALA A 150 10.19 -16.64 2.89
C ALA A 150 10.19 -17.27 1.49
N PHE A 151 11.21 -16.95 0.71
CA PHE A 151 11.42 -17.59 -0.58
C PHE A 151 12.92 -17.82 -0.76
N GLU A 152 13.26 -18.61 -1.77
CA GLU A 152 14.63 -18.96 -2.06
C GLU A 152 15.21 -17.95 -3.05
N TRP A 153 16.42 -17.49 -2.80
CA TRP A 153 17.09 -16.65 -3.78
C TRP A 153 18.49 -17.18 -4.03
N ARG A 154 18.76 -17.57 -5.27
CA ARG A 154 20.10 -17.91 -5.70
C ARG A 154 20.67 -16.82 -6.58
N SER A 161 23.30 -19.15 -1.90
CA SER A 161 22.06 -19.90 -1.78
C SER A 161 21.52 -19.66 -0.38
N GLY A 162 20.21 -19.48 -0.27
CA GLY A 162 19.58 -19.23 1.00
C GLY A 162 18.25 -18.56 0.79
N GLN A 163 17.57 -18.31 1.90
CA GLN A 163 16.25 -17.69 1.83
C GLN A 163 16.33 -16.22 2.13
N LEU A 164 15.37 -15.48 1.58
CA LEU A 164 15.06 -14.10 1.93
C LEU A 164 13.61 -14.05 2.40
N THR A 165 13.27 -13.03 3.19
CA THR A 165 11.85 -12.81 3.44
C THR A 165 11.58 -11.32 3.56
N TRP A 166 10.31 -10.98 3.72
CA TRP A 166 9.83 -9.61 3.69
C TRP A 166 9.75 -9.08 5.12
N THR A 167 10.17 -7.83 5.32
CA THR A 167 9.96 -7.13 6.58
C THR A 167 8.78 -6.18 6.53
N ARG A 168 8.05 -6.16 5.41
CA ARG A 168 6.86 -5.36 5.20
C ARG A 168 5.76 -6.26 4.61
N LEU A 169 4.54 -5.77 4.69
CA LEU A 169 3.36 -6.47 4.18
C LEU A 169 3.53 -6.77 2.69
N PRO A 170 3.45 -8.03 2.27
CA PRO A 170 3.86 -8.38 0.91
C PRO A 170 2.74 -8.37 -0.11
N GLN A 171 3.14 -8.26 -1.37
CA GLN A 171 2.19 -8.44 -2.45
C GLN A 171 1.78 -9.90 -2.54
N GLY A 172 0.53 -10.13 -2.87
CA GLY A 172 0.03 -11.48 -3.00
C GLY A 172 -0.49 -12.06 -1.71
N PHE A 173 -0.29 -11.41 -0.57
CA PHE A 173 -0.85 -11.91 0.68
C PHE A 173 -2.34 -11.54 0.76
N LYS A 174 -3.19 -12.50 1.12
CA LYS A 174 -4.63 -12.30 0.93
C LYS A 174 -5.18 -11.16 1.77
N ASN A 175 -4.58 -10.85 2.92
CA ASN A 175 -5.12 -9.83 3.79
C ASN A 175 -4.46 -8.46 3.64
N SER A 176 -3.51 -8.27 2.74
CA SER A 176 -2.84 -6.97 2.65
C SER A 176 -3.79 -5.81 2.33
N PRO A 177 -4.71 -5.92 1.35
CA PRO A 177 -5.59 -4.78 1.07
C PRO A 177 -6.41 -4.35 2.28
N THR A 178 -7.03 -5.31 2.98
CA THR A 178 -7.83 -4.96 4.14
C THR A 178 -6.99 -4.41 5.27
N LEU A 179 -5.84 -5.04 5.57
CA LEU A 179 -4.97 -4.51 6.62
C LEU A 179 -4.47 -3.12 6.27
N PHE A 180 -4.16 -2.88 5.00
CA PHE A 180 -3.68 -1.53 4.68
C PHE A 180 -4.80 -0.52 4.84
N ASP A 181 -5.98 -0.83 4.30
CA ASP A 181 -7.13 0.09 4.41
C ASP A 181 -7.40 0.44 5.87
N GLU A 182 -7.39 -0.56 6.75
CA GLU A 182 -7.69 -0.30 8.15
C GLU A 182 -6.57 0.50 8.81
N ALA A 183 -5.31 0.24 8.44
CA ALA A 183 -4.23 1.01 9.06
C ALA A 183 -4.30 2.46 8.64
N LEU A 184 -4.55 2.72 7.36
CA LEU A 184 -4.62 4.11 6.93
C LEU A 184 -5.81 4.83 7.55
N HIS A 185 -6.94 4.12 7.69
CA HIS A 185 -8.08 4.72 8.38
C HIS A 185 -7.69 5.16 9.78
N ARG A 186 -6.93 4.34 10.50
CA ARG A 186 -6.49 4.75 11.84
C ARG A 186 -5.60 5.97 11.76
N ASP A 187 -4.66 5.99 10.80
CA ASP A 187 -3.73 7.11 10.73
C ASP A 187 -4.41 8.39 10.23
N LEU A 188 -5.50 8.28 9.49
CA LEU A 188 -6.17 9.50 9.02
C LEU A 188 -7.39 9.89 9.86
N ALA A 189 -7.67 9.16 10.95
CA ALA A 189 -8.83 9.50 11.78
C ALA A 189 -8.77 10.95 12.27
N ASP A 190 -7.59 11.38 12.74
CA ASP A 190 -7.45 12.74 13.24
C ASP A 190 -7.64 13.76 12.13
N PHE A 191 -7.04 13.52 10.96
CA PHE A 191 -7.24 14.41 9.82
C PHE A 191 -8.72 14.62 9.54
N ARG A 192 -9.53 13.56 9.63
CA ARG A 192 -10.96 13.70 9.35
C ARG A 192 -11.62 14.60 10.39
N ILE A 193 -11.26 14.43 11.65
CA ILE A 193 -11.80 15.21 12.74
C ILE A 193 -11.37 16.68 12.64
N GLN A 194 -10.15 16.93 12.18
CA GLN A 194 -9.67 18.30 12.06
C GLN A 194 -10.25 19.04 10.87
N HIS A 195 -10.84 18.32 9.91
CA HIS A 195 -11.38 18.93 8.70
C HIS A 195 -12.77 18.36 8.43
N PRO A 196 -13.74 18.66 9.31
CA PRO A 196 -15.07 18.03 9.17
C PRO A 196 -15.82 18.41 7.91
N ASP A 197 -15.42 19.48 7.23
CA ASP A 197 -16.10 19.92 6.01
C ASP A 197 -15.50 19.31 4.74
N LEU A 198 -14.47 18.49 4.86
CA LEU A 198 -13.91 17.78 3.71
C LEU A 198 -14.48 16.37 3.64
N ILE A 199 -14.60 15.84 2.43
CA ILE A 199 -14.93 14.45 2.21
C ILE A 199 -13.66 13.72 1.80
N LEU A 200 -13.34 12.63 2.49
CA LEU A 200 -12.17 11.83 2.19
C LEU A 200 -12.62 10.40 1.96
N LEU A 201 -12.50 9.93 0.74
CA LEU A 201 -12.81 8.55 0.39
C LEU A 201 -11.52 7.76 0.32
N GLN A 202 -11.47 6.61 0.99
CA GLN A 202 -10.29 5.75 0.97
C GLN A 202 -10.65 4.42 0.34
N TYR A 203 -9.90 4.02 -0.67
CA TYR A 203 -10.01 2.68 -1.25
C TYR A 203 -8.59 2.09 -1.28
N VAL A 204 -8.18 1.48 -0.17
CA VAL A 204 -6.81 0.95 -0.02
C VAL A 204 -5.82 2.08 -0.25
N ASP A 205 -5.13 2.08 -1.40
CA ASP A 205 -4.12 3.10 -1.66
C ASP A 205 -4.61 4.23 -2.56
N ASP A 206 -5.91 4.27 -2.86
CA ASP A 206 -6.50 5.28 -3.74
C ASP A 206 -7.39 6.21 -2.93
N LEU A 207 -7.01 7.49 -2.88
CA LEU A 207 -7.66 8.49 -2.03
C LEU A 207 -8.31 9.57 -2.88
N LEU A 208 -9.49 10.00 -2.46
CA LEU A 208 -10.16 11.16 -3.05
C LEU A 208 -10.53 12.12 -1.93
N LEU A 209 -10.06 13.35 -2.04
CA LEU A 209 -10.47 14.43 -1.15
C LEU A 209 -11.40 15.35 -1.95
N ALA A 210 -12.55 15.70 -1.35
CA ALA A 210 -13.50 16.59 -1.99
C ALA A 210 -13.80 17.79 -1.09
N ALA A 211 -13.95 18.96 -1.71
CA ALA A 211 -14.19 20.19 -0.96
C ALA A 211 -15.23 21.03 -1.69
N THR A 212 -15.78 22.00 -0.96
CA THR A 212 -16.81 22.87 -1.54
C THR A 212 -16.20 23.85 -2.53
N SER A 213 -15.11 24.51 -2.15
CA SER A 213 -14.49 25.56 -2.95
C SER A 213 -13.09 25.14 -3.39
N GLU A 214 -12.59 25.84 -4.42
CA GLU A 214 -11.21 25.62 -4.84
C GLU A 214 -10.26 25.86 -3.68
N LEU A 215 -10.44 26.97 -2.95
CA LEU A 215 -9.52 27.31 -1.86
C LEU A 215 -9.47 26.22 -0.80
N ASP A 216 -10.64 25.72 -0.38
CA ASP A 216 -10.65 24.70 0.67
C ASP A 216 -10.06 23.38 0.18
N CYS A 217 -10.21 23.06 -1.11
CA CYS A 217 -9.48 21.93 -1.67
C CYS A 217 -7.98 22.16 -1.60
N GLN A 218 -7.52 23.38 -1.90
CA GLN A 218 -6.09 23.69 -1.79
C GLN A 218 -5.59 23.50 -0.38
N GLN A 219 -6.24 24.17 0.59
CA GLN A 219 -5.80 24.08 1.97
C GLN A 219 -6.01 22.69 2.54
N GLY A 220 -7.03 21.97 2.04
CA GLY A 220 -7.21 20.60 2.47
C GLY A 220 -6.15 19.67 1.89
N THR A 221 -5.86 19.81 0.59
CA THR A 221 -4.83 19.01 -0.04
C THR A 221 -3.47 19.28 0.57
N ARG A 222 -3.20 20.53 0.97
CA ARG A 222 -1.95 20.84 1.66
C ARG A 222 -1.88 20.10 2.99
N ALA A 223 -2.96 20.16 3.76
CA ALA A 223 -2.97 19.45 5.03
C ALA A 223 -2.84 17.93 4.82
N LEU A 224 -3.52 17.39 3.82
CA LEU A 224 -3.51 15.94 3.63
C LEU A 224 -2.13 15.44 3.22
N LEU A 225 -1.47 16.17 2.31
CA LEU A 225 -0.11 15.79 1.92
C LEU A 225 0.86 15.96 3.08
N GLN A 226 0.75 17.06 3.82
CA GLN A 226 1.58 17.23 5.00
C GLN A 226 1.38 16.06 5.95
N THR A 227 0.12 15.69 6.20
CA THR A 227 -0.19 14.60 7.12
C THR A 227 0.33 13.27 6.59
N LEU A 228 0.04 12.96 5.32
CA LEU A 228 0.51 11.69 4.75
C LEU A 228 2.01 11.56 4.87
N GLY A 229 2.75 12.59 4.48
CA GLY A 229 4.20 12.50 4.55
C GLY A 229 4.71 12.35 5.96
N ASN A 230 4.09 13.05 6.91
N ASN A 230 4.10 13.07 6.91
CA ASN A 230 4.50 12.95 8.31
CA ASN A 230 4.50 12.95 8.30
C ASN A 230 4.28 11.54 8.84
C ASN A 230 4.28 11.53 8.82
N LEU A 231 3.19 10.89 8.41
CA LEU A 231 2.86 9.54 8.85
C LEU A 231 3.74 8.48 8.18
N GLY A 232 4.44 8.84 7.11
CA GLY A 232 5.32 7.93 6.42
C GLY A 232 4.77 7.31 5.16
N TYR A 233 3.63 7.79 4.66
CA TYR A 233 3.11 7.35 3.38
C TYR A 233 3.66 8.27 2.29
N ARG A 234 3.53 7.83 1.04
CA ARG A 234 4.12 8.54 -0.10
C ARG A 234 3.16 8.49 -1.27
N ALA A 235 2.80 9.66 -1.80
CA ALA A 235 1.90 9.75 -2.93
C ALA A 235 2.69 9.93 -4.23
N SER A 236 2.12 9.45 -5.33
CA SER A 236 2.74 9.54 -6.65
C SER A 236 2.51 10.94 -7.21
N ALA A 237 3.57 11.75 -7.28
CA ALA A 237 3.42 13.08 -7.86
C ALA A 237 3.04 13.01 -9.34
N LYS A 238 3.55 12.00 -10.04
CA LYS A 238 3.32 11.91 -11.49
C LYS A 238 1.84 11.73 -11.81
N LYS A 239 1.12 10.99 -10.98
CA LYS A 239 -0.26 10.64 -11.27
C LYS A 239 -1.27 11.52 -10.54
N ALA A 240 -0.80 12.42 -9.66
CA ALA A 240 -1.70 13.18 -8.81
C ALA A 240 -2.58 14.13 -9.63
N GLN A 241 -3.88 14.11 -9.34
CA GLN A 241 -4.84 15.06 -9.90
C GLN A 241 -5.24 16.01 -8.77
N ILE A 242 -4.79 17.25 -8.84
CA ILE A 242 -4.83 18.17 -7.70
C ILE A 242 -5.83 19.29 -7.97
N CYS A 243 -6.81 19.44 -7.08
CA CYS A 243 -7.70 20.60 -7.04
C CYS A 243 -8.35 20.84 -8.40
N GLN A 244 -9.00 19.82 -8.92
CA GLN A 244 -9.65 19.87 -10.21
C GLN A 244 -11.15 19.67 -10.04
N LYS A 245 -11.92 20.25 -10.95
CA LYS A 245 -13.35 19.97 -10.99
C LYS A 245 -13.67 18.69 -11.74
N GLN A 246 -12.68 18.08 -12.40
CA GLN A 246 -12.87 16.81 -13.09
C GLN A 246 -11.68 15.91 -12.82
N VAL A 247 -11.94 14.68 -12.35
CA VAL A 247 -10.89 13.74 -11.96
C VAL A 247 -11.33 12.31 -12.30
N LYS A 248 -10.35 11.45 -12.51
CA LYS A 248 -10.58 10.01 -12.65
C LYS A 248 -10.27 9.30 -11.33
N TYR A 249 -11.22 8.52 -10.83
CA TYR A 249 -11.10 7.86 -9.53
C TYR A 249 -11.78 6.50 -9.58
N LEU A 250 -11.01 5.44 -9.32
CA LEU A 250 -11.52 4.08 -9.26
C LEU A 250 -12.23 3.69 -10.56
N GLY A 251 -11.65 4.12 -11.67
CA GLY A 251 -12.17 3.78 -12.98
C GLY A 251 -13.35 4.62 -13.43
N TYR A 252 -13.80 5.56 -12.62
CA TYR A 252 -14.86 6.48 -13.00
C TYR A 252 -14.24 7.80 -13.45
N LEU A 253 -14.98 8.51 -14.30
CA LEU A 253 -14.69 9.91 -14.57
C LEU A 253 -15.67 10.75 -13.77
N LEU A 254 -15.15 11.57 -12.87
CA LEU A 254 -15.96 12.41 -11.99
C LEU A 254 -16.06 13.79 -12.63
N LYS A 255 -17.18 14.04 -13.28
CA LYS A 255 -17.39 15.26 -14.06
C LYS A 255 -18.82 15.73 -13.82
N GLU A 256 -18.97 16.85 -13.11
CA GLU A 256 -20.25 17.55 -12.97
C GLU A 256 -21.26 16.74 -12.16
N GLY A 257 -20.85 16.31 -10.96
CA GLY A 257 -21.72 15.54 -10.09
C GLY A 257 -21.94 14.12 -10.56
N GLN A 258 -21.62 13.83 -11.79
CA GLN A 258 -21.84 12.54 -12.35
C GLN A 258 -20.80 11.46 -12.20
N ARG A 259 -21.31 10.25 -12.01
CA ARG A 259 -20.58 9.03 -11.87
C ARG A 259 -19.88 8.95 -10.53
C2 CJ1 B 6 -13.91 -23.89 -17.15
C4 CJ1 B 6 -15.13 -23.87 -15.31
C5 CJ1 B 6 -14.46 -24.91 -14.70
C6 CJ1 B 6 -13.37 -25.52 -15.41
C7 CJ1 B 6 -15.02 -25.18 -13.45
P CJ1 B 6 -16.37 -20.31 -10.24
OP1 CJ1 B 6 -16.79 -18.98 -9.75
O5' CJ1 B 6 -17.10 -20.54 -11.63
C5' CJ1 B 6 -16.90 -19.57 -12.68
C4' CJ1 B 6 -17.26 -20.15 -14.02
C3' CJ1 B 6 -18.64 -20.79 -14.12
O3' CJ1 B 6 -19.06 -20.53 -15.46
C2' CJ1 B 6 -18.35 -22.28 -13.93
C1' CJ1 B 6 -17.04 -22.38 -14.70
O4' CJ1 B 6 -16.32 -21.18 -14.40
N9 CJ1 B 6 -16.11 -23.48 -14.43
C8 CJ1 B 6 -15.99 -24.30 -13.33
N3 CJ1 B 6 -14.91 -23.31 -16.52
O2 CJ1 B 6 -13.53 -23.46 -18.36
N1 CJ1 B 6 -13.17 -24.92 -16.64
O6 CJ1 B 6 -12.63 -26.45 -15.07
OP2 CJ1 B 6 -16.58 -21.53 -9.41
C2 CJ1 B 7 -15.98 -25.47 -19.72
C4 CJ1 B 7 -17.57 -24.42 -18.62
C5 CJ1 B 7 -17.51 -25.23 -17.51
C6 CJ1 B 7 -16.57 -26.29 -17.48
C7 CJ1 B 7 -18.44 -24.82 -16.55
P CJ1 B 7 -20.57 -20.22 -15.79
OP1 CJ1 B 7 -21.17 -19.47 -14.65
O5' CJ1 B 7 -20.48 -19.21 -17.03
C5' CJ1 B 7 -19.27 -19.13 -17.80
C4' CJ1 B 7 -19.26 -20.09 -18.98
C3' CJ1 B 7 -20.61 -20.65 -19.45
O3' CJ1 B 7 -20.63 -20.36 -20.86
C2' CJ1 B 7 -20.50 -22.16 -19.23
C1' CJ1 B 7 -19.01 -22.42 -19.23
O4' CJ1 B 7 -18.41 -21.23 -18.73
N9 CJ1 B 7 -18.58 -23.50 -18.35
C8 CJ1 B 7 -19.04 -23.80 -17.09
N3 CJ1 B 7 -16.85 -24.48 -19.76
O2 CJ1 B 7 -15.16 -25.69 -20.76
N1 CJ1 B 7 -15.83 -26.34 -18.66
O6 CJ1 B 7 -16.34 -27.12 -16.58
OP2 CJ1 B 7 -21.22 -21.47 -16.25
C2 CJ1 B 8 -17.48 -27.70 -22.30
C4 CJ1 B 8 -19.18 -26.26 -22.22
C5 CJ1 B 8 -19.57 -26.60 -20.94
C6 CJ1 B 8 -18.83 -27.59 -20.25
C7 CJ1 B 8 -20.68 -25.83 -20.57
P CJ1 B 8 -21.89 -20.74 -21.75
OP1 CJ1 B 8 -22.28 -19.50 -22.49
O5' CJ1 B 8 -21.28 -21.73 -22.83
C5' CJ1 B 8 -20.22 -21.27 -23.69
C4' CJ1 B 8 -19.80 -22.39 -24.61
C3' CJ1 B 8 -20.92 -23.04 -25.42
O3' CJ1 B 8 -20.35 -23.48 -26.65
C2' CJ1 B 8 -21.31 -24.25 -24.60
C1' CJ1 B 8 -19.99 -24.64 -23.96
O4' CJ1 B 8 -19.21 -23.46 -23.83
N9 CJ1 B 8 -20.05 -25.28 -22.65
C8 CJ1 B 8 -20.92 -25.07 -21.60
N3 CJ1 B 8 -18.16 -26.76 -22.95
O2 CJ1 B 8 -16.44 -28.30 -22.88
N1 CJ1 B 8 -17.79 -28.10 -21.03
O6 CJ1 B 8 -19.00 -28.05 -19.11
OP2 CJ1 B 8 -22.91 -21.48 -20.96
N1 1AP C 1 -16.32 -30.40 -19.89
C2 1AP C 1 -15.46 -31.15 -20.66
C4 1AP C 1 -14.99 -32.36 -18.89
C5 1AP C 1 -15.81 -31.65 -18.05
C6 1AP C 1 -16.56 -30.60 -18.54
C8 1AP C 1 -14.94 -33.15 -16.82
N2 1AP C 1 -15.39 -30.79 -21.95
N3 1AP C 1 -14.76 -32.17 -20.20
N9 1AP C 1 -14.42 -33.32 -18.08
N7 1AP C 1 -15.78 -32.16 -16.76
N6 1AP C 1 -17.34 -29.87 -17.92
P 1AP C 1 -15.59 -37.18 -15.09
OP1 1AP C 1 -16.52 -38.30 -15.26
OP2 1AP C 1 -16.09 -35.85 -14.78
O5' 1AP C 1 -14.48 -37.27 -16.22
C5' 1AP C 1 -14.82 -37.33 -17.61
C4' 1AP C 1 -13.73 -36.62 -18.36
O4' 1AP C 1 -14.23 -35.40 -18.96
C1' 1AP C 1 -13.48 -34.34 -18.42
C2' 1AP C 1 -12.86 -34.85 -17.15
C3' 1AP C 1 -12.50 -36.26 -17.50
O3' 1AP C 1 -11.29 -35.87 -18.15
N1 1AP C 2 -13.78 -28.77 -18.36
C2 1AP C 2 -13.22 -28.87 -19.61
C4 1AP C 2 -11.97 -30.52 -18.87
C5 1AP C 2 -12.49 -30.49 -17.59
C6 1AP C 2 -13.47 -29.56 -17.28
C8 1AP C 2 -11.06 -32.05 -17.57
N2 1AP C 2 -13.68 -27.99 -20.51
N3 1AP C 2 -12.28 -29.74 -19.93
N9 1AP C 2 -11.06 -31.54 -18.84
N7 1AP C 2 -11.90 -31.46 -16.79
N6 1AP C 2 -14.05 -29.39 -16.20
P 1AP C 2 -10.54 -36.84 -19.16
OP1 1AP C 2 -11.32 -38.04 -19.42
OP2 1AP C 2 -9.19 -37.06 -18.62
O5' 1AP C 2 -10.48 -35.98 -20.49
C5' 1AP C 2 -9.27 -35.34 -20.84
C4' 1AP C 2 -9.42 -33.84 -20.94
O4' 1AP C 2 -10.60 -33.29 -20.29
C1' 1AP C 2 -10.21 -31.99 -19.91
C2' 1AP C 2 -8.83 -32.18 -19.35
C3' 1AP C 2 -8.21 -33.08 -20.38
O3' 1AP C 2 -7.65 -32.10 -21.25
N1 1AP C 3 -11.08 -26.43 -18.79
C2 1AP C 3 -10.99 -26.03 -20.10
C4 1AP C 3 -9.40 -27.52 -20.38
C5 1AP C 3 -9.42 -27.97 -19.09
C6 1AP C 3 -10.32 -27.41 -18.19
C8 1AP C 3 -7.92 -29.12 -20.04
N2 1AP C 3 -11.82 -25.05 -20.47
N3 1AP C 3 -10.14 -26.55 -20.95
N9 1AP C 3 -8.43 -28.27 -20.99
N7 1AP C 3 -8.49 -28.98 -18.89
N6 1AP C 3 -10.51 -27.68 -17.00
P 1AP C 3 -6.42 -32.51 -22.16
OP1 1AP C 3 -6.89 -33.53 -23.09
OP2 1AP C 3 -5.31 -32.87 -21.27
O5' 1AP C 3 -6.11 -31.20 -23.00
C5' 1AP C 3 -6.88 -30.92 -24.16
C4' 1AP C 3 -7.35 -29.50 -24.05
O4' 1AP C 3 -8.33 -29.37 -23.01
C1' 1AP C 3 -7.99 -28.19 -22.34
C2' 1AP C 3 -6.49 -28.20 -22.32
C3' 1AP C 3 -6.26 -28.42 -23.78
O3' 1AP C 3 -6.59 -27.08 -24.12
#